data_8YIA
#
_entry.id   8YIA
#
_cell.length_a   73.605
_cell.length_b   73.611
_cell.length_c   108.773
_cell.angle_alpha   90.000
_cell.angle_beta   90.000
_cell.angle_gamma   90.000
#
_symmetry.space_group_name_H-M   'P 21 21 21'
#
loop_
_entity.id
_entity.type
_entity.pdbx_description
1 polymer 'Sordarin/hypoxysordarin biosynthesis cluster protein G'
2 non-polymer (4S)-2-METHYL-2,4-PENTANEDIOL
3 water water
#
_entity_poly.entity_id   1
_entity_poly.type   'polypeptide(L)'
_entity_poly.pdbx_seq_one_letter_code
;GS(MSE)AGKEIQTPDQAEAFVAKVFDVLDSYDYTRFGEVLSTDLKYEGGLQKTSGLDNFINDIKASTQR(MSE)PGLQT
SHSRYRTELTAEGTIYSEGHSNASLESNPGKVVTVP(MSE)IGVFKLDSEDGKIKE(MSE)RIYKDRLPFLALHQALPG
(MSE)KANN
;
_entity_poly.pdbx_strand_id   A,B,C,D
#
# COMPACT_ATOMS: atom_id res chain seq x y z
N GLU A 7 -20.53 24.19 -10.47
CA GLU A 7 -20.40 22.81 -10.93
C GLU A 7 -20.06 21.89 -9.76
N ILE A 8 -19.66 22.48 -8.64
CA ILE A 8 -19.24 21.70 -7.47
C ILE A 8 -20.45 21.47 -6.59
N GLN A 9 -20.89 20.23 -6.46
CA GLN A 9 -22.00 19.89 -5.60
C GLN A 9 -21.67 18.86 -4.53
N THR A 10 -20.51 18.22 -4.61
CA THR A 10 -20.19 17.16 -3.67
C THR A 10 -18.83 17.44 -3.06
N PRO A 11 -18.55 16.92 -1.87
CA PRO A 11 -17.21 17.11 -1.31
C PRO A 11 -16.10 16.50 -2.13
N ASP A 12 -16.37 15.41 -2.86
CA ASP A 12 -15.32 14.87 -3.74
C ASP A 12 -15.00 15.82 -4.88
N GLN A 13 -16.03 16.45 -5.46
CA GLN A 13 -15.79 17.47 -6.49
C GLN A 13 -15.03 18.66 -5.90
N ALA A 14 -15.37 19.04 -4.66
CA ALA A 14 -14.66 20.14 -4.01
C ALA A 14 -13.18 19.81 -3.81
N GLU A 15 -12.87 18.60 -3.33
CA GLU A 15 -11.47 18.27 -3.12
C GLU A 15 -10.69 18.22 -4.44
N ALA A 16 -11.31 17.71 -5.51
CA ALA A 16 -10.66 17.72 -6.82
C ALA A 16 -10.35 19.14 -7.27
N PHE A 17 -11.28 20.06 -7.03
CA PHE A 17 -11.05 21.46 -7.41
C PHE A 17 -9.92 22.06 -6.59
N VAL A 18 -9.91 21.83 -5.27
CA VAL A 18 -8.82 22.34 -4.45
C VAL A 18 -7.48 21.78 -4.92
N ALA A 19 -7.44 20.50 -5.29
CA ALA A 19 -6.19 19.94 -5.80
C ALA A 19 -5.75 20.64 -7.07
N LYS A 20 -6.69 20.93 -7.98
CA LYS A 20 -6.34 21.69 -9.18
C LYS A 20 -5.81 23.08 -8.84
N VAL A 21 -6.46 23.76 -7.89
CA VAL A 21 -6.04 25.10 -7.48
C VAL A 21 -4.60 25.08 -6.96
N PHE A 22 -4.29 24.12 -6.08
CA PHE A 22 -2.93 24.08 -5.56
C PHE A 22 -1.92 23.63 -6.61
N ASP A 23 -2.33 22.82 -7.58
CA ASP A 23 -1.41 22.52 -8.67
C ASP A 23 -1.04 23.80 -9.44
N VAL A 24 -2.04 24.66 -9.71
CA VAL A 24 -1.77 25.93 -10.38
C VAL A 24 -0.89 26.83 -9.51
N LEU A 25 -1.23 26.95 -8.21
CA LEU A 25 -0.49 27.85 -7.33
C LEU A 25 0.94 27.38 -7.11
N ASP A 26 1.12 26.09 -6.84
CA ASP A 26 2.45 25.57 -6.51
C ASP A 26 3.33 25.43 -7.74
N SER A 27 2.76 25.56 -8.94
N SER A 27 2.77 25.57 -8.94
CA SER A 27 3.54 25.69 -10.16
CA SER A 27 3.58 25.69 -10.14
C SER A 27 3.86 27.14 -10.48
C SER A 27 3.87 27.15 -10.48
N TYR A 28 3.34 28.08 -9.70
CA TYR A 28 3.59 29.51 -9.91
C TYR A 28 3.18 29.93 -11.32
N ASP A 29 2.07 29.35 -11.78
CA ASP A 29 1.56 29.57 -13.14
C ASP A 29 0.68 30.82 -13.12
N TYR A 30 1.35 31.97 -12.95
CA TYR A 30 0.64 33.22 -12.68
C TYR A 30 -0.39 33.55 -13.74
N THR A 31 -0.06 33.34 -15.01
CA THR A 31 -1.01 33.68 -16.07
C THR A 31 -2.20 32.75 -16.10
N ARG A 32 -2.20 31.66 -15.34
CA ARG A 32 -3.34 30.77 -15.23
C ARG A 32 -4.11 30.97 -13.93
N PHE A 33 -3.63 31.83 -13.02
CA PHE A 33 -4.32 32.00 -11.75
C PHE A 33 -5.77 32.40 -11.96
N GLY A 34 -6.03 33.26 -12.95
CA GLY A 34 -7.37 33.72 -13.23
C GLY A 34 -8.32 32.64 -13.71
N GLU A 35 -7.82 31.45 -14.09
CA GLU A 35 -8.71 30.36 -14.44
C GLU A 35 -9.50 29.86 -13.24
N VAL A 36 -8.91 29.97 -12.04
CA VAL A 36 -9.51 29.43 -10.83
C VAL A 36 -9.74 30.48 -9.75
N LEU A 37 -9.18 31.68 -9.89
CA LEU A 37 -9.29 32.73 -8.88
C LEU A 37 -10.01 33.94 -9.46
N SER A 38 -10.94 34.49 -8.68
N SER A 38 -10.96 34.48 -8.69
CA SER A 38 -11.70 35.66 -9.10
CA SER A 38 -11.71 35.64 -9.13
C SER A 38 -10.80 36.88 -9.25
C SER A 38 -10.79 36.87 -9.25
N THR A 39 -11.17 37.75 -10.19
N THR A 39 -11.14 37.76 -10.19
CA THR A 39 -10.49 39.02 -10.35
CA THR A 39 -10.42 39.02 -10.30
C THR A 39 -10.56 39.86 -9.07
C THR A 39 -10.54 39.86 -9.05
N ASP A 40 -11.59 39.65 -8.26
CA ASP A 40 -11.79 40.36 -7.01
C ASP A 40 -11.44 39.52 -5.78
N LEU A 41 -10.55 38.55 -5.95
CA LEU A 41 -10.16 37.64 -4.85
C LEU A 41 -9.77 38.39 -3.59
N LYS A 42 -10.33 37.96 -2.46
CA LYS A 42 -9.88 38.40 -1.14
C LYS A 42 -9.10 37.25 -0.52
N TYR A 43 -7.78 37.43 -0.41
CA TYR A 43 -6.88 36.42 0.12
C TYR A 43 -6.34 36.86 1.47
N GLU A 44 -6.23 35.90 2.40
CA GLU A 44 -5.48 36.14 3.62
C GLU A 44 -4.69 34.89 3.97
N GLY A 45 -3.41 35.08 4.28
CA GLY A 45 -2.52 34.03 4.70
C GLY A 45 -1.71 34.52 5.88
N GLY A 46 -2.29 34.43 7.08
CA GLY A 46 -1.61 35.02 8.23
C GLY A 46 -1.63 36.54 8.11
N LEU A 47 -0.49 37.17 8.28
CA LEU A 47 -0.40 38.62 8.17
C LEU A 47 -0.34 39.13 6.74
N GLN A 48 -0.25 38.23 5.75
CA GLN A 48 -0.35 38.61 4.34
C GLN A 48 -1.81 38.67 3.95
N LYS A 49 -2.22 39.78 3.32
CA LYS A 49 -3.63 39.98 3.00
C LYS A 49 -3.71 40.85 1.76
N THR A 50 -4.46 40.40 0.74
CA THR A 50 -4.59 41.13 -0.51
C THR A 50 -6.02 41.13 -1.00
N SER A 51 -6.38 42.19 -1.73
CA SER A 51 -7.66 42.32 -2.42
C SER A 51 -7.40 42.52 -3.90
N GLY A 52 -8.01 41.69 -4.73
CA GLY A 52 -7.80 41.74 -6.16
C GLY A 52 -6.75 40.76 -6.64
N LEU A 53 -7.03 40.15 -7.80
CA LEU A 53 -6.13 39.11 -8.30
C LEU A 53 -4.74 39.65 -8.60
N ASP A 54 -4.64 40.84 -9.21
CA ASP A 54 -3.32 41.33 -9.55
C ASP A 54 -2.49 41.61 -8.31
N ASN A 55 -3.12 42.08 -7.23
CA ASN A 55 -2.39 42.24 -5.98
C ASN A 55 -1.96 40.91 -5.38
N PHE A 56 -2.78 39.86 -5.53
CA PHE A 56 -2.39 38.54 -5.06
C PHE A 56 -1.17 38.05 -5.82
N ILE A 57 -1.19 38.15 -7.15
CA ILE A 57 -0.06 37.70 -7.96
C ILE A 57 1.21 38.42 -7.56
N ASN A 58 1.12 39.74 -7.38
CA ASN A 58 2.32 40.50 -7.02
C ASN A 58 2.82 40.15 -5.62
N ASP A 59 1.90 39.85 -4.70
CA ASP A 59 2.29 39.40 -3.36
C ASP A 59 3.06 38.08 -3.45
N ILE A 60 2.59 37.14 -4.28
CA ILE A 60 3.25 35.85 -4.40
C ILE A 60 4.59 35.99 -5.11
N LYS A 61 4.65 36.82 -6.16
CA LYS A 61 5.91 37.06 -6.83
C LYS A 61 6.95 37.64 -5.88
N ALA A 62 6.52 38.53 -4.98
CA ALA A 62 7.46 39.10 -4.02
C ALA A 62 8.08 38.03 -3.13
N SER A 63 7.28 37.04 -2.74
CA SER A 63 7.78 35.97 -1.88
C SER A 63 8.81 35.11 -2.60
N THR A 64 8.56 34.79 -3.87
CA THR A 64 9.51 33.96 -4.62
C THR A 64 10.81 34.70 -4.89
N GLN A 65 10.73 36.00 -5.21
CA GLN A 65 11.95 36.75 -5.46
C GLN A 65 12.78 36.86 -4.19
N ARG A 66 12.12 36.93 -3.02
CA ARG A 66 12.85 37.05 -1.77
C ARG A 66 13.53 35.75 -1.36
N PRO A 68 14.91 32.81 -3.33
CA PRO A 68 15.20 32.14 -4.60
C PRO A 68 15.25 30.63 -4.44
N GLY A 69 14.68 29.93 -5.41
CA GLY A 69 14.70 28.49 -5.42
C GLY A 69 13.62 27.81 -4.61
N LEU A 70 12.63 28.55 -4.13
CA LEU A 70 11.58 27.98 -3.30
C LEU A 70 10.72 27.01 -4.12
N GLN A 71 10.49 25.83 -3.56
CA GLN A 71 9.61 24.81 -4.12
C GLN A 71 8.57 24.46 -3.07
N THR A 72 7.30 24.42 -3.48
CA THR A 72 6.21 24.16 -2.55
C THR A 72 5.28 23.10 -3.12
N SER A 73 4.67 22.32 -2.22
CA SER A 73 3.62 21.39 -2.63
C SER A 73 2.68 21.19 -1.47
N HIS A 74 1.48 20.74 -1.78
CA HIS A 74 0.46 20.53 -0.77
C HIS A 74 -0.19 19.18 -0.97
N SER A 75 -0.60 18.60 0.15
CA SER A 75 -1.43 17.40 0.18
C SER A 75 -2.63 17.70 1.06
N ARG A 76 -3.65 16.85 0.98
CA ARG A 76 -4.83 17.05 1.80
C ARG A 76 -5.39 15.70 2.21
N TYR A 77 -5.98 15.64 3.41
CA TYR A 77 -6.58 14.39 3.86
C TYR A 77 -8.06 14.48 4.18
N ARG A 78 -8.62 15.69 4.28
CA ARG A 78 -10.06 15.75 4.47
C ARG A 78 -10.61 17.09 4.00
N THR A 79 -11.77 17.05 3.37
CA THR A 79 -12.39 18.22 2.79
C THR A 79 -13.88 18.16 3.04
N GLU A 80 -14.47 19.29 3.40
CA GLU A 80 -15.91 19.42 3.52
C GLU A 80 -16.41 20.52 2.60
N LEU A 81 -17.63 20.33 2.09
CA LEU A 81 -18.35 21.32 1.30
C LEU A 81 -19.66 21.60 2.03
N THR A 82 -19.85 22.84 2.49
CA THR A 82 -20.99 23.09 3.37
C THR A 82 -22.22 23.56 2.60
N ALA A 83 -23.35 23.63 3.31
CA ALA A 83 -24.60 24.05 2.68
C ALA A 83 -24.51 25.48 2.16
N GLU A 84 -23.66 26.31 2.79
CA GLU A 84 -23.42 27.67 2.32
C GLU A 84 -22.46 27.72 1.14
N GLY A 85 -21.93 26.59 0.72
CA GLY A 85 -20.98 26.59 -0.38
C GLY A 85 -19.53 26.82 0.01
N THR A 86 -19.20 26.80 1.31
CA THR A 86 -17.82 26.95 1.72
C THR A 86 -17.08 25.63 1.58
N ILE A 87 -15.82 25.70 1.15
CA ILE A 87 -14.93 24.54 1.15
C ILE A 87 -13.92 24.70 2.28
N TYR A 88 -13.82 23.71 3.14
CA TYR A 88 -12.77 23.62 4.14
C TYR A 88 -11.92 22.40 3.82
N SER A 89 -10.61 22.58 3.72
CA SER A 89 -9.74 21.49 3.32
C SER A 89 -8.49 21.47 4.21
N GLU A 90 -8.31 20.38 4.95
CA GLU A 90 -7.17 20.23 5.85
C GLU A 90 -6.11 19.34 5.22
N GLY A 91 -4.86 19.72 5.41
CA GLY A 91 -3.79 18.99 4.77
C GLY A 91 -2.44 19.39 5.31
N HIS A 92 -1.44 19.37 4.44
CA HIS A 92 -0.07 19.69 4.82
C HIS A 92 0.55 20.54 3.73
N SER A 93 1.41 21.47 4.15
CA SER A 93 2.13 22.35 3.26
C SER A 93 3.61 21.99 3.37
N ASN A 94 4.25 21.69 2.24
CA ASN A 94 5.64 21.31 2.20
C ASN A 94 6.44 22.40 1.48
N ALA A 95 7.65 22.65 1.97
CA ALA A 95 8.54 23.58 1.27
C ALA A 95 9.98 23.06 1.29
N SER A 96 10.71 23.39 0.23
N SER A 96 10.71 23.39 0.23
CA SER A 96 12.14 23.08 0.13
CA SER A 96 12.13 23.07 0.13
C SER A 96 12.77 24.11 -0.79
C SER A 96 12.77 24.10 -0.80
N LEU A 97 14.10 24.12 -0.81
CA LEU A 97 14.86 25.03 -1.65
C LEU A 97 15.66 24.22 -2.67
N GLU A 98 15.65 24.70 -3.92
CA GLU A 98 16.47 24.07 -4.95
C GLU A 98 17.93 24.02 -4.54
N SER A 99 18.38 25.04 -3.81
CA SER A 99 19.76 25.13 -3.35
C SER A 99 20.06 24.26 -2.14
N ASN A 100 19.05 23.63 -1.54
CA ASN A 100 19.24 22.85 -0.32
C ASN A 100 18.48 21.53 -0.44
N PRO A 101 18.91 20.66 -1.34
CA PRO A 101 18.19 19.39 -1.54
C PRO A 101 18.30 18.51 -0.31
N GLY A 102 17.18 17.85 0.02
CA GLY A 102 17.09 17.00 1.18
C GLY A 102 16.43 17.65 2.37
N LYS A 103 16.37 18.98 2.42
CA LYS A 103 15.76 19.70 3.54
C LYS A 103 14.35 20.09 3.15
N VAL A 104 13.35 19.44 3.76
CA VAL A 104 11.94 19.69 3.51
C VAL A 104 11.29 20.03 4.83
N VAL A 105 10.56 21.13 4.87
CA VAL A 105 9.77 21.52 6.04
C VAL A 105 8.31 21.28 5.70
N THR A 106 7.60 20.62 6.61
CA THR A 106 6.20 20.27 6.42
C THR A 106 5.40 20.72 7.64
N VAL A 107 4.30 21.41 7.40
CA VAL A 107 3.41 21.86 8.49
C VAL A 107 1.97 21.54 8.16
N PRO A 108 1.11 21.34 9.18
CA PRO A 108 -0.29 21.20 8.89
C PRO A 108 -0.86 22.51 8.35
N ILE A 110 -4.77 24.45 6.78
CA ILE A 110 -6.18 24.39 6.37
C ILE A 110 -6.47 25.55 5.43
N GLY A 111 -7.23 25.30 4.38
CA GLY A 111 -7.70 26.33 3.49
C GLY A 111 -9.21 26.47 3.57
N VAL A 112 -9.67 27.72 3.55
CA VAL A 112 -11.09 28.09 3.54
C VAL A 112 -11.34 28.80 2.21
N PHE A 113 -12.32 28.32 1.45
CA PHE A 113 -12.59 28.86 0.12
C PHE A 113 -14.07 29.16 -0.05
N LYS A 114 -14.37 30.31 -0.63
CA LYS A 114 -15.73 30.63 -1.06
C LYS A 114 -15.69 30.91 -2.55
N LEU A 115 -16.71 30.45 -3.27
CA LEU A 115 -16.75 30.51 -4.73
C LEU A 115 -17.71 31.59 -5.22
N ASP A 116 -17.34 32.19 -6.34
CA ASP A 116 -18.23 33.11 -7.06
C ASP A 116 -19.37 32.31 -7.67
N SER A 117 -20.61 32.74 -7.40
CA SER A 117 -21.76 31.98 -7.89
C SER A 117 -21.93 32.05 -9.40
N GLU A 118 -21.36 33.05 -10.05
CA GLU A 118 -21.55 33.21 -11.50
C GLU A 118 -20.60 32.34 -12.32
N ASP A 119 -19.37 32.11 -11.85
CA ASP A 119 -18.40 31.37 -12.65
C ASP A 119 -17.62 30.32 -11.90
N GLY A 120 -17.90 30.11 -10.61
CA GLY A 120 -17.24 29.08 -9.84
C GLY A 120 -15.80 29.33 -9.45
N LYS A 121 -15.26 30.53 -9.72
CA LYS A 121 -13.90 30.85 -9.32
C LYS A 121 -13.86 31.21 -7.84
N ILE A 122 -12.68 31.04 -7.25
CA ILE A 122 -12.51 31.32 -5.82
C ILE A 122 -12.53 32.83 -5.60
N LYS A 123 -13.48 33.31 -4.79
CA LYS A 123 -13.53 34.74 -4.51
C LYS A 123 -12.99 35.10 -3.13
N GLU A 124 -12.91 34.14 -2.22
CA GLU A 124 -12.27 34.31 -0.91
C GLU A 124 -11.42 33.08 -0.67
N ARG A 126 -8.61 31.79 2.33
CA ARG A 126 -7.94 32.04 3.59
C ARG A 126 -7.17 30.79 3.97
N ILE A 127 -5.85 30.91 4.05
CA ILE A 127 -4.95 29.79 4.27
C ILE A 127 -4.32 29.97 5.64
N TYR A 128 -4.41 28.94 6.47
CA TYR A 128 -3.90 29.03 7.84
C TYR A 128 -2.84 27.96 8.06
N LYS A 129 -1.68 28.38 8.56
CA LYS A 129 -0.59 27.48 8.87
C LYS A 129 0.45 28.25 9.65
N ASP A 130 1.28 27.50 10.38
CA ASP A 130 2.38 28.10 11.11
C ASP A 130 3.57 28.30 10.18
N ARG A 131 4.05 29.52 10.07
CA ARG A 131 5.26 29.78 9.26
C ARG A 131 6.54 29.63 10.06
N LEU A 132 6.46 29.51 11.39
CA LEU A 132 7.66 29.41 12.21
C LEU A 132 8.58 28.26 11.79
N PRO A 133 8.09 27.04 11.52
CA PRO A 133 9.02 25.96 11.15
C PRO A 133 9.83 26.23 9.89
N PHE A 134 9.37 27.11 9.02
CA PHE A 134 10.09 27.37 7.73
C PHE A 134 11.39 28.14 7.99
N LEU A 135 11.61 28.62 9.21
CA LEU A 135 12.91 29.27 9.56
C LEU A 135 14.05 28.27 9.33
N ALA A 136 13.74 26.97 9.33
CA ALA A 136 14.79 25.94 9.18
C ALA A 136 15.12 25.62 7.72
N LEU A 137 14.55 26.33 6.75
CA LEU A 137 14.72 25.94 5.33
C LEU A 137 16.18 26.00 4.82
N HIS A 138 16.97 26.93 5.31
CA HIS A 138 18.35 27.09 4.76
C HIS A 138 19.38 26.26 5.56
N GLN A 139 18.90 25.52 6.55
CA GLN A 139 19.81 24.72 7.40
C GLN A 139 20.20 23.40 6.73
N ALA A 140 21.47 23.02 6.84
CA ALA A 140 21.99 21.80 6.22
C ALA A 140 21.46 20.58 6.97
N SER B 2 22.64 5.50 18.87
CA SER B 2 22.34 6.51 19.92
C SER B 2 21.01 6.31 20.70
N ALA B 4 16.58 5.41 20.31
CA ALA B 4 15.46 4.98 19.47
C ALA B 4 14.14 5.13 20.22
N GLY B 5 13.34 4.06 20.26
CA GLY B 5 11.98 4.19 20.77
C GLY B 5 11.66 3.41 22.04
N LYS B 6 12.68 3.17 22.87
CA LYS B 6 12.49 2.34 24.05
C LYS B 6 11.60 3.01 25.09
N GLU B 7 11.58 4.34 25.14
CA GLU B 7 10.80 5.07 26.12
C GLU B 7 9.39 5.41 25.63
N ILE B 8 8.96 4.83 24.51
CA ILE B 8 7.65 5.14 23.95
C ILE B 8 6.57 4.47 24.78
N GLN B 9 5.65 5.26 25.32
CA GLN B 9 4.51 4.73 26.04
C GLN B 9 3.19 5.35 25.62
N THR B 10 3.21 6.40 24.81
CA THR B 10 2.05 7.13 24.35
C THR B 10 2.11 7.28 22.84
N PRO B 11 0.96 7.54 22.19
CA PRO B 11 0.97 7.70 20.73
C PRO B 11 1.61 9.00 20.26
N ASP B 12 1.66 10.03 21.12
CA ASP B 12 2.41 11.23 20.79
C ASP B 12 3.90 10.93 20.67
N GLN B 13 4.45 10.24 21.67
CA GLN B 13 5.84 9.81 21.59
C GLN B 13 6.08 8.94 20.36
N ALA B 14 5.08 8.12 19.99
CA ALA B 14 5.26 7.22 18.86
C ALA B 14 5.34 7.99 17.55
N GLU B 15 4.45 8.98 17.34
CA GLU B 15 4.52 9.76 16.10
C GLU B 15 5.80 10.57 16.02
N ALA B 16 6.27 11.08 17.17
CA ALA B 16 7.53 11.81 17.18
C ALA B 16 8.70 10.93 16.76
N PHE B 17 8.69 9.66 17.20
CA PHE B 17 9.70 8.72 16.79
C PHE B 17 9.62 8.42 15.30
N VAL B 18 8.40 8.21 14.79
CA VAL B 18 8.23 7.95 13.36
C VAL B 18 8.78 9.11 12.54
N ALA B 19 8.53 10.35 12.99
CA ALA B 19 9.04 11.51 12.26
C ALA B 19 10.56 11.54 12.27
N LYS B 20 11.16 11.26 13.43
CA LYS B 20 12.62 11.12 13.53
C LYS B 20 13.12 10.06 12.56
N VAL B 21 12.43 8.91 12.50
CA VAL B 21 12.83 7.83 11.60
C VAL B 21 12.82 8.28 10.14
N PHE B 22 11.73 8.90 9.69
CA PHE B 22 11.67 9.30 8.28
C PHE B 22 12.61 10.46 7.97
N ASP B 23 12.85 11.35 8.95
CA ASP B 23 13.90 12.35 8.77
C ASP B 23 15.24 11.70 8.47
N VAL B 24 15.60 10.65 9.21
CA VAL B 24 16.82 9.91 8.93
C VAL B 24 16.75 9.28 7.56
N LEU B 25 15.67 8.53 7.28
CA LEU B 25 15.62 7.75 6.04
C LEU B 25 15.65 8.66 4.82
N ASP B 26 14.85 9.72 4.82
CA ASP B 26 14.73 10.56 3.63
C ASP B 26 15.94 11.47 3.44
N SER B 27 16.85 11.53 4.41
CA SER B 27 18.12 12.21 4.24
C SER B 27 19.16 11.34 3.57
N TYR B 28 18.90 10.03 3.51
CA TYR B 28 19.84 9.07 2.92
C TYR B 28 21.17 9.08 3.65
N ASP B 29 21.14 9.43 4.94
CA ASP B 29 22.32 9.46 5.80
C ASP B 29 22.49 8.06 6.41
N TYR B 30 23.07 7.17 5.60
CA TYR B 30 23.13 5.75 5.95
C TYR B 30 23.88 5.51 7.24
N THR B 31 24.86 6.36 7.56
CA THR B 31 25.60 6.21 8.81
C THR B 31 24.71 6.37 10.04
N ARG B 32 23.54 7.01 9.90
CA ARG B 32 22.61 7.18 11.00
C ARG B 32 21.49 6.14 11.04
N PHE B 33 21.33 5.32 9.99
CA PHE B 33 20.22 4.37 9.94
C PHE B 33 20.21 3.46 11.17
N GLY B 34 21.39 3.01 11.60
CA GLY B 34 21.47 2.09 12.71
C GLY B 34 21.11 2.67 14.05
N GLU B 35 20.92 3.99 14.14
CA GLU B 35 20.43 4.57 15.38
C GLU B 35 19.01 4.13 15.66
N VAL B 36 18.20 3.95 14.62
CA VAL B 36 16.78 3.69 14.79
C VAL B 36 16.33 2.35 14.24
N LEU B 37 17.13 1.67 13.41
CA LEU B 37 16.76 0.41 12.77
C LEU B 37 17.57 -0.73 13.36
N SER B 38 16.91 -1.81 13.73
CA SER B 38 17.59 -3.00 14.26
C SER B 38 18.50 -3.62 13.21
N THR B 39 19.60 -4.23 13.69
CA THR B 39 20.47 -4.94 12.75
C THR B 39 19.75 -6.09 12.04
N ASP B 40 18.67 -6.61 12.64
N ASP B 40 18.70 -6.65 12.64
CA ASP B 40 17.92 -7.70 12.06
CA ASP B 40 17.92 -7.70 12.01
C ASP B 40 16.62 -7.24 11.41
C ASP B 40 16.56 -7.20 11.52
N LEU B 41 16.53 -5.95 11.06
CA LEU B 41 15.31 -5.37 10.53
C LEU B 41 14.69 -6.22 9.43
N LYS B 42 13.39 -6.48 9.57
CA LYS B 42 12.59 -7.09 8.52
C LYS B 42 11.73 -5.99 7.89
N TYR B 43 12.07 -5.60 6.67
CA TYR B 43 11.38 -4.53 5.95
C TYR B 43 10.58 -5.11 4.79
N GLU B 44 9.39 -4.56 4.56
N GLU B 44 9.38 -4.56 4.59
CA GLU B 44 8.62 -4.87 3.37
CA GLU B 44 8.58 -4.83 3.40
C GLU B 44 8.01 -3.58 2.83
C GLU B 44 8.09 -3.50 2.84
N GLY B 45 8.18 -3.36 1.52
CA GLY B 45 7.56 -2.25 0.84
C GLY B 45 7.00 -2.74 -0.48
N GLY B 46 5.77 -3.26 -0.45
CA GLY B 46 5.25 -3.89 -1.65
C GLY B 46 5.88 -5.25 -1.83
N LEU B 47 6.25 -5.58 -3.07
CA LEU B 47 6.92 -6.86 -3.29
C LEU B 47 8.38 -6.85 -2.90
N GLN B 48 8.97 -5.68 -2.64
CA GLN B 48 10.36 -5.61 -2.23
C GLN B 48 10.48 -5.86 -0.72
N LYS B 49 11.39 -6.74 -0.34
CA LYS B 49 11.51 -7.25 1.01
C LYS B 49 12.98 -7.43 1.31
N THR B 50 13.41 -7.03 2.50
CA THR B 50 14.78 -7.22 2.93
C THR B 50 14.82 -7.71 4.36
N SER B 51 15.83 -8.52 4.65
CA SER B 51 16.11 -8.98 6.01
C SER B 51 17.52 -8.53 6.37
N GLY B 52 17.64 -7.80 7.48
CA GLY B 52 18.91 -7.28 7.95
C GLY B 52 19.16 -5.85 7.55
N LEU B 53 19.83 -5.09 8.41
CA LEU B 53 20.05 -3.68 8.14
C LEU B 53 20.95 -3.46 6.93
N ASP B 54 21.99 -4.27 6.75
CA ASP B 54 22.88 -4.08 5.62
C ASP B 54 22.15 -4.26 4.30
N ASN B 55 21.29 -5.28 4.21
CA ASN B 55 20.52 -5.48 2.98
C ASN B 55 19.53 -4.35 2.74
N PHE B 56 18.95 -3.79 3.82
CA PHE B 56 18.07 -2.63 3.67
C PHE B 56 18.82 -1.43 3.11
N ILE B 57 20.00 -1.13 3.68
CA ILE B 57 20.81 -0.01 3.19
C ILE B 57 21.20 -0.20 1.74
N ASN B 58 21.59 -1.43 1.37
CA ASN B 58 22.00 -1.66 -0.01
C ASN B 58 20.83 -1.45 -0.98
N ASP B 59 19.63 -1.86 -0.58
CA ASP B 59 18.47 -1.66 -1.46
C ASP B 59 18.13 -0.18 -1.62
N ILE B 60 18.25 0.60 -0.54
CA ILE B 60 18.00 2.04 -0.65
C ILE B 60 19.06 2.71 -1.51
N LYS B 61 20.33 2.30 -1.36
CA LYS B 61 21.39 2.85 -2.19
C LYS B 61 21.16 2.55 -3.66
N ALA B 62 20.76 1.32 -3.96
CA ALA B 62 20.48 0.96 -5.35
C ALA B 62 19.33 1.80 -5.93
N SER B 63 18.35 2.17 -5.09
CA SER B 63 17.22 2.95 -5.60
C SER B 63 17.65 4.35 -6.01
N THR B 64 18.69 4.90 -5.38
CA THR B 64 19.22 6.19 -5.79
C THR B 64 20.03 6.10 -7.08
N GLN B 65 20.57 4.93 -7.40
CA GLN B 65 21.21 4.74 -8.70
C GLN B 65 20.18 4.64 -9.81
N ARG B 66 19.14 3.84 -9.59
CA ARG B 66 18.03 3.68 -10.52
C ARG B 66 17.48 5.03 -10.94
N PRO B 68 18.73 8.86 -10.51
CA PRO B 68 19.60 9.95 -10.05
C PRO B 68 18.82 11.21 -9.75
N GLY B 69 19.14 11.83 -8.62
CA GLY B 69 18.47 13.05 -8.22
C GLY B 69 17.17 12.84 -7.46
N LEU B 70 16.82 11.60 -7.14
CA LEU B 70 15.60 11.32 -6.39
C LEU B 70 15.60 12.08 -5.06
N GLN B 71 14.48 12.72 -4.76
CA GLN B 71 14.24 13.39 -3.49
C GLN B 71 12.91 12.90 -2.95
N THR B 72 12.89 12.50 -1.68
CA THR B 72 11.70 11.95 -1.06
C THR B 72 11.44 12.61 0.28
N SER B 73 10.18 12.69 0.66
CA SER B 73 9.79 13.20 1.97
C SER B 73 8.44 12.63 2.36
N HIS B 74 8.17 12.63 3.67
CA HIS B 74 6.96 12.01 4.20
C HIS B 74 6.34 12.93 5.22
N SER B 75 5.03 12.94 5.27
CA SER B 75 4.26 13.60 6.32
C SER B 75 3.34 12.58 6.95
N ARG B 76 2.80 12.91 8.12
CA ARG B 76 1.88 12.01 8.80
C ARG B 76 0.78 12.80 9.47
N TYR B 77 -0.43 12.23 9.51
CA TYR B 77 -1.54 12.90 10.16
C TYR B 77 -2.24 12.08 11.23
N ARG B 78 -2.09 10.76 11.26
CA ARG B 78 -2.68 10.03 12.37
C ARG B 78 -1.85 8.78 12.69
N THR B 79 -1.56 8.62 13.97
CA THR B 79 -0.71 7.55 14.46
C THR B 79 -1.37 6.93 15.68
N GLU B 80 -1.30 5.60 15.77
CA GLU B 80 -1.76 4.89 16.95
C GLU B 80 -0.67 3.97 17.47
N LEU B 81 -0.61 3.82 18.78
CA LEU B 81 0.24 2.87 19.47
C LEU B 81 -0.68 1.87 20.15
N THR B 82 -0.55 0.59 19.82
CA THR B 82 -1.49 -0.41 20.34
C THR B 82 -0.94 -1.08 21.60
N ALA B 83 -1.81 -1.85 22.25
CA ALA B 83 -1.42 -2.60 23.44
C ALA B 83 -0.42 -3.72 23.13
N GLU B 84 -0.32 -4.14 21.87
CA GLU B 84 0.73 -5.08 21.46
C GLU B 84 2.05 -4.38 21.20
N GLY B 85 2.09 -3.05 21.27
CA GLY B 85 3.28 -2.30 20.96
C GLY B 85 3.44 -1.91 19.51
N THR B 86 2.46 -2.20 18.65
CA THR B 86 2.57 -1.82 17.26
C THR B 86 2.32 -0.33 17.10
N ILE B 87 3.08 0.29 16.20
CA ILE B 87 2.83 1.66 15.77
C ILE B 87 2.28 1.63 14.36
N TYR B 88 1.11 2.23 14.16
CA TYR B 88 0.53 2.43 12.83
C TYR B 88 0.50 3.94 12.56
N SER B 89 1.07 4.36 11.44
CA SER B 89 1.17 5.79 11.14
C SER B 89 0.75 6.06 9.71
N GLU B 90 -0.34 6.81 9.54
CA GLU B 90 -0.88 7.13 8.22
C GLU B 90 -0.47 8.53 7.82
N GLY B 91 -0.11 8.67 6.54
CA GLY B 91 0.35 9.96 6.05
C GLY B 91 0.46 9.96 4.54
N HIS B 92 1.46 10.68 4.02
CA HIS B 92 1.66 10.83 2.59
C HIS B 92 3.13 10.67 2.26
N SER B 93 3.39 10.13 1.08
CA SER B 93 4.74 9.94 0.56
C SER B 93 4.88 10.81 -0.67
N ASN B 94 5.93 11.65 -0.70
CA ASN B 94 6.18 12.58 -1.79
C ASN B 94 7.51 12.24 -2.44
N ALA B 95 7.58 12.40 -3.76
CA ALA B 95 8.84 12.22 -4.47
C ALA B 95 8.92 13.16 -5.67
N SER B 96 10.15 13.59 -5.97
CA SER B 96 10.44 14.39 -7.16
C SER B 96 11.88 14.11 -7.56
N LEU B 97 12.27 14.62 -8.73
CA LEU B 97 13.64 14.51 -9.20
C LEU B 97 14.28 15.90 -9.24
N GLU B 98 15.56 15.97 -8.85
CA GLU B 98 16.28 17.23 -8.89
C GLU B 98 16.24 17.87 -10.26
N SER B 99 16.25 17.06 -11.33
CA SER B 99 16.26 17.58 -12.69
C SER B 99 14.91 18.17 -13.11
N ASN B 100 13.85 17.94 -12.34
CA ASN B 100 12.52 18.43 -12.69
C ASN B 100 11.74 18.65 -11.39
N PRO B 101 12.13 19.67 -10.61
CA PRO B 101 11.57 19.82 -9.26
C PRO B 101 10.11 20.25 -9.22
N GLY B 102 9.55 20.75 -10.31
CA GLY B 102 8.15 21.14 -10.34
C GLY B 102 7.16 19.97 -10.40
N LYS B 103 7.64 18.76 -10.69
CA LYS B 103 6.78 17.59 -10.80
C LYS B 103 6.95 16.75 -9.53
N VAL B 104 5.93 16.78 -8.66
CA VAL B 104 5.94 16.05 -7.41
C VAL B 104 4.83 15.02 -7.47
N VAL B 105 5.16 13.76 -7.18
CA VAL B 105 4.17 12.71 -7.06
C VAL B 105 3.91 12.49 -5.58
N THR B 106 2.64 12.46 -5.19
CA THR B 106 2.24 12.34 -3.79
C THR B 106 1.17 11.25 -3.72
N VAL B 107 1.35 10.28 -2.82
CA VAL B 107 0.36 9.24 -2.58
C VAL B 107 0.12 9.05 -1.09
N PRO B 108 -1.04 8.59 -0.65
CA PRO B 108 -1.22 8.20 0.74
C PRO B 108 -0.30 7.03 1.09
N ILE B 110 0.86 4.25 4.62
CA ILE B 110 0.85 3.85 6.03
C ILE B 110 2.12 3.07 6.33
N GLY B 111 2.67 3.30 7.51
CA GLY B 111 3.78 2.51 8.02
C GLY B 111 3.33 1.72 9.24
N VAL B 112 3.76 0.46 9.29
CA VAL B 112 3.53 -0.44 10.41
C VAL B 112 4.89 -0.73 11.02
N PHE B 113 5.03 -0.50 12.32
CA PHE B 113 6.33 -0.65 12.97
C PHE B 113 6.22 -1.52 14.20
N LYS B 114 7.16 -2.44 14.37
CA LYS B 114 7.34 -3.19 15.61
C LYS B 114 8.74 -2.91 16.13
N LEU B 115 8.85 -2.70 17.44
CA LEU B 115 10.12 -2.34 18.06
C LEU B 115 10.69 -3.52 18.84
N ASP B 116 12.02 -3.55 18.89
CA ASP B 116 12.75 -4.52 19.70
C ASP B 116 12.57 -4.15 21.17
N SER B 117 12.18 -5.13 21.98
CA SER B 117 11.94 -4.83 23.39
C SER B 117 13.24 -4.48 24.13
N GLU B 118 14.38 -4.96 23.63
CA GLU B 118 15.64 -4.71 24.32
C GLU B 118 16.09 -3.26 24.20
N ASP B 119 15.94 -2.67 23.01
CA ASP B 119 16.57 -1.38 22.75
C ASP B 119 15.67 -0.36 22.06
N GLY B 120 14.42 -0.72 21.74
CA GLY B 120 13.52 0.22 21.12
C GLY B 120 13.77 0.53 19.67
N LYS B 121 14.70 -0.15 19.01
CA LYS B 121 14.90 0.09 17.58
C LYS B 121 13.82 -0.65 16.81
N ILE B 122 13.61 -0.21 15.56
CA ILE B 122 12.59 -0.83 14.72
C ILE B 122 13.08 -2.18 14.23
N LYS B 123 12.36 -3.24 14.59
CA LYS B 123 12.69 -4.57 14.12
C LYS B 123 11.85 -5.04 12.95
N GLU B 124 10.65 -4.47 12.78
CA GLU B 124 9.80 -4.78 11.61
C GLU B 124 9.26 -3.44 11.09
N ARG B 126 6.92 -2.18 7.79
CA ARG B 126 6.16 -2.47 6.56
C ARG B 126 5.49 -1.17 6.11
N ILE B 127 5.84 -0.71 4.93
CA ILE B 127 5.32 0.52 4.33
C ILE B 127 4.40 0.13 3.18
N TYR B 128 3.17 0.62 3.21
CA TYR B 128 2.19 0.32 2.18
C TYR B 128 1.79 1.62 1.47
N LYS B 129 1.84 1.59 0.15
CA LYS B 129 1.45 2.72 -0.67
C LYS B 129 1.36 2.24 -2.10
N ASP B 130 0.65 2.98 -2.93
CA ASP B 130 0.61 2.71 -4.36
C ASP B 130 1.84 3.30 -5.02
N ARG B 131 2.68 2.44 -5.60
N ARG B 131 2.69 2.43 -5.59
CA ARG B 131 3.90 2.91 -6.26
CA ARG B 131 3.90 2.91 -6.26
C ARG B 131 3.70 3.21 -7.74
C ARG B 131 3.67 3.24 -7.72
N LEU B 132 2.56 2.79 -8.32
CA LEU B 132 2.32 3.05 -9.73
C LEU B 132 2.34 4.53 -10.10
N PRO B 133 1.78 5.45 -9.32
CA PRO B 133 1.85 6.87 -9.71
C PRO B 133 3.27 7.39 -9.89
N PHE B 134 4.26 6.78 -9.24
CA PHE B 134 5.62 7.27 -9.36
C PHE B 134 6.25 6.97 -10.72
N LEU B 135 5.59 6.16 -11.56
CA LEU B 135 6.07 5.98 -12.93
C LEU B 135 5.96 7.25 -13.76
N ALA B 136 5.28 8.27 -13.25
CA ALA B 136 5.23 9.57 -13.93
C ALA B 136 6.53 10.33 -13.82
N LEU B 137 7.40 9.99 -12.85
CA LEU B 137 8.68 10.65 -12.74
C LEU B 137 9.55 10.31 -13.94
N HIS B 138 10.43 11.25 -14.31
CA HIS B 138 11.23 11.09 -15.53
C HIS B 138 12.10 9.85 -15.47
N GLN B 139 11.94 8.97 -16.48
CA GLN B 139 12.71 7.73 -16.61
C GLN B 139 12.47 6.76 -15.46
N ALA B 140 11.31 6.85 -14.82
CA ALA B 140 10.92 5.81 -13.87
C ALA B 140 10.79 4.46 -14.57
N LEU B 141 10.23 4.51 -15.78
CA LEU B 141 10.16 3.31 -16.65
C LEU B 141 10.42 3.83 -18.06
N PRO B 142 11.70 3.84 -18.49
CA PRO B 142 12.03 4.33 -19.81
C PRO B 142 11.22 3.67 -20.92
N GLY B 143 10.70 4.50 -21.82
CA GLY B 143 9.98 3.94 -22.98
C GLY B 143 8.47 3.93 -22.80
N LYS B 145 5.75 2.77 -19.93
CA LYS B 145 5.14 2.18 -18.73
C LYS B 145 3.90 1.61 -19.39
N GLY C 5 -20.81 -4.91 12.67
CA GLY C 5 -19.68 -4.61 13.53
C GLY C 5 -20.04 -4.06 14.90
N LYS C 6 -21.35 -3.97 15.18
CA LYS C 6 -21.80 -3.32 16.40
C LYS C 6 -21.34 -4.06 17.65
N GLU C 7 -21.24 -5.38 17.58
CA GLU C 7 -20.86 -6.21 18.72
C GLU C 7 -19.41 -6.67 18.65
N ILE C 8 -18.51 -5.85 18.12
CA ILE C 8 -17.11 -6.21 17.97
C ILE C 8 -16.34 -5.72 19.19
N GLN C 9 -15.85 -6.66 20.01
CA GLN C 9 -15.08 -6.30 21.18
C GLN C 9 -13.71 -6.97 21.26
N THR C 10 -13.42 -7.93 20.40
CA THR C 10 -12.17 -8.67 20.44
C THR C 10 -11.55 -8.65 19.06
N PRO C 11 -10.22 -8.82 18.97
CA PRO C 11 -9.60 -8.89 17.64
C PRO C 11 -10.07 -10.08 16.82
N ASP C 12 -10.46 -11.19 17.45
CA ASP C 12 -11.01 -12.29 16.67
C ASP C 12 -12.35 -11.92 16.05
N GLN C 13 -13.20 -11.21 16.78
CA GLN C 13 -14.45 -10.73 16.20
C GLN C 13 -14.19 -9.71 15.09
N ALA C 14 -13.17 -8.87 15.27
CA ALA C 14 -12.83 -7.91 14.23
C ALA C 14 -12.36 -8.62 12.95
N GLU C 15 -11.52 -9.63 13.07
CA GLU C 15 -11.05 -10.31 11.86
C GLU C 15 -12.19 -11.04 11.16
N ALA C 16 -13.12 -11.65 11.92
CA ALA C 16 -14.29 -12.28 11.30
C ALA C 16 -15.12 -11.26 10.53
N PHE C 17 -15.28 -10.06 11.08
CA PHE C 17 -16.03 -9.02 10.38
C PHE C 17 -15.31 -8.57 9.12
N VAL C 18 -14.00 -8.34 9.20
CA VAL C 18 -13.25 -7.97 8.00
C VAL C 18 -13.38 -9.05 6.94
N ALA C 19 -13.34 -10.32 7.34
CA ALA C 19 -13.52 -11.39 6.37
C ALA C 19 -14.88 -11.32 5.70
N LYS C 20 -15.94 -11.05 6.48
CA LYS C 20 -17.26 -10.87 5.89
C LYS C 20 -17.29 -9.70 4.92
N VAL C 21 -16.67 -8.58 5.29
CA VAL C 21 -16.66 -7.40 4.45
C VAL C 21 -16.02 -7.69 3.09
N PHE C 22 -14.85 -8.34 3.10
CA PHE C 22 -14.20 -8.66 1.84
C PHE C 22 -14.95 -9.72 1.05
N ASP C 23 -15.67 -10.63 1.72
CA ASP C 23 -16.52 -11.55 0.97
C ASP C 23 -17.59 -10.77 0.19
N VAL C 24 -18.21 -9.79 0.82
CA VAL C 24 -19.20 -8.96 0.14
C VAL C 24 -18.54 -8.16 -0.99
N LEU C 25 -17.40 -7.52 -0.70
CA LEU C 25 -16.75 -6.67 -1.70
C LEU C 25 -16.24 -7.48 -2.89
N ASP C 26 -15.55 -8.59 -2.62
CA ASP C 26 -14.95 -9.38 -3.70
C ASP C 26 -15.99 -10.17 -4.49
N SER C 27 -17.22 -10.26 -3.99
N SER C 27 -17.22 -10.27 -4.01
CA SER C 27 -18.33 -10.81 -4.76
CA SER C 27 -18.29 -10.81 -4.83
C SER C 27 -19.06 -9.72 -5.54
C SER C 27 -19.01 -9.73 -5.61
N TYR C 28 -18.64 -8.46 -5.40
CA TYR C 28 -19.24 -7.34 -6.09
C TYR C 28 -20.76 -7.30 -5.86
N ASP C 29 -21.14 -7.62 -4.61
CA ASP C 29 -22.55 -7.69 -4.22
C ASP C 29 -23.00 -6.29 -3.81
N TYR C 30 -23.11 -5.43 -4.83
CA TYR C 30 -23.32 -4.00 -4.59
C TYR C 30 -24.53 -3.71 -3.74
N THR C 31 -25.64 -4.42 -3.97
CA THR C 31 -26.86 -4.16 -3.22
C THR C 31 -26.75 -4.61 -1.76
N ARG C 32 -25.69 -5.34 -1.40
CA ARG C 32 -25.43 -5.72 -0.03
C ARG C 32 -24.33 -4.89 0.63
N PHE C 33 -23.70 -3.98 -0.11
CA PHE C 33 -22.62 -3.19 0.49
C PHE C 33 -23.09 -2.44 1.73
N GLY C 34 -24.33 -1.92 1.69
CA GLY C 34 -24.89 -1.18 2.80
C GLY C 34 -25.13 -1.99 4.05
N GLU C 35 -25.05 -3.32 3.98
CA GLU C 35 -25.16 -4.12 5.19
C GLU C 35 -23.95 -3.91 6.11
N VAL C 36 -22.80 -3.59 5.53
CA VAL C 36 -21.55 -3.50 6.27
C VAL C 36 -20.86 -2.15 6.13
N LEU C 37 -21.29 -1.31 5.17
CA LEU C 37 -20.67 0.00 4.92
C LEU C 37 -21.68 1.10 5.18
N SER C 38 -21.22 2.14 5.88
CA SER C 38 -22.06 3.29 6.19
C SER C 38 -22.47 4.03 4.94
N THR C 39 -23.67 4.61 4.98
CA THR C 39 -24.13 5.49 3.90
C THR C 39 -23.18 6.66 3.70
N ASP C 40 -22.46 7.06 4.75
N ASP C 40 -22.48 7.10 4.76
CA ASP C 40 -21.53 8.18 4.70
CA ASP C 40 -21.52 8.19 4.66
C ASP C 40 -20.08 7.73 4.62
C ASP C 40 -20.08 7.70 4.67
N LEU C 41 -19.83 6.52 4.11
CA LEU C 41 -18.49 5.94 4.06
C LEU C 41 -17.46 6.89 3.44
N LYS C 42 -16.32 7.03 4.10
CA LYS C 42 -15.16 7.74 3.57
C LYS C 42 -14.13 6.68 3.20
N TYR C 43 -13.94 6.45 1.92
CA TYR C 43 -13.04 5.43 1.40
C TYR C 43 -11.84 6.08 0.74
N GLU C 44 -10.66 5.50 0.95
CA GLU C 44 -9.51 5.87 0.16
C GLU C 44 -8.72 4.61 -0.17
N GLY C 45 -8.34 4.47 -1.44
CA GLY C 45 -7.50 3.40 -1.91
C GLY C 45 -6.44 3.96 -2.84
N GLY C 46 -5.34 4.44 -2.27
CA GLY C 46 -4.37 5.13 -3.12
C GLY C 46 -4.95 6.46 -3.57
N LEU C 47 -4.87 6.71 -4.88
CA LEU C 47 -5.41 7.95 -5.43
C LEU C 47 -6.92 7.89 -5.65
N GLN C 48 -7.56 6.73 -5.46
CA GLN C 48 -9.01 6.65 -5.49
C GLN C 48 -9.57 7.05 -4.14
N LYS C 49 -10.53 7.97 -4.13
CA LYS C 49 -11.05 8.49 -2.87
C LYS C 49 -12.51 8.89 -3.06
N THR C 50 -13.40 8.41 -2.20
CA THR C 50 -14.83 8.70 -2.34
C THR C 50 -15.46 9.00 -0.98
N SER C 51 -16.52 9.81 -1.02
CA SER C 51 -17.34 10.10 0.15
C SER C 51 -18.78 9.73 -0.18
N GLY C 52 -19.36 8.88 0.65
CA GLY C 52 -20.71 8.41 0.45
C GLY C 52 -20.75 7.03 -0.19
N LEU C 53 -21.68 6.20 0.28
CA LEU C 53 -21.74 4.82 -0.20
C LEU C 53 -22.04 4.76 -1.69
N ASP C 54 -22.96 5.60 -2.18
CA ASP C 54 -23.30 5.50 -3.59
C ASP C 54 -22.12 5.88 -4.48
N ASN C 55 -21.30 6.84 -4.05
CA ASN C 55 -20.10 7.17 -4.81
C ASN C 55 -19.08 6.04 -4.75
N PHE C 56 -18.98 5.33 -3.62
CA PHE C 56 -18.09 4.18 -3.55
C PHE C 56 -18.52 3.10 -4.53
N ILE C 57 -19.82 2.79 -4.55
CA ILE C 57 -20.32 1.77 -5.45
C ILE C 57 -20.03 2.15 -6.90
N ASN C 58 -20.23 3.42 -7.25
CA ASN C 58 -19.98 3.85 -8.62
C ASN C 58 -18.50 3.77 -8.97
N ASP C 59 -17.62 4.08 -8.01
CA ASP C 59 -16.19 3.97 -8.23
C ASP C 59 -15.79 2.53 -8.53
N ILE C 60 -16.33 1.58 -7.75
CA ILE C 60 -15.99 0.17 -7.95
C ILE C 60 -16.56 -0.34 -9.27
N LYS C 61 -17.80 0.01 -9.58
CA LYS C 61 -18.39 -0.39 -10.85
C LYS C 61 -17.56 0.11 -12.02
N ALA C 62 -17.07 1.35 -11.94
CA ALA C 62 -16.24 1.87 -13.02
C ALA C 62 -14.99 1.03 -13.20
N SER C 63 -14.42 0.54 -12.10
CA SER C 63 -13.21 -0.28 -12.18
C SER C 63 -13.47 -1.59 -12.89
N THR C 64 -14.60 -2.24 -12.61
CA THR C 64 -14.87 -3.54 -13.20
C THR C 64 -15.29 -3.43 -14.66
N GLN C 65 -16.06 -2.39 -15.01
CA GLN C 65 -16.42 -2.18 -16.41
C GLN C 65 -15.18 -1.93 -17.25
N ARG C 66 -14.17 -1.28 -16.67
CA ARG C 66 -12.96 -0.96 -17.43
C ARG C 66 -12.06 -2.18 -17.60
N PRO C 68 -12.81 -5.89 -17.85
CA PRO C 68 -13.80 -6.98 -17.89
C PRO C 68 -13.19 -8.30 -17.43
N GLY C 69 -13.97 -9.05 -16.66
CA GLY C 69 -13.53 -10.35 -16.19
C GLY C 69 -12.64 -10.33 -14.97
N LEU C 70 -12.53 -9.19 -14.28
CA LEU C 70 -11.68 -9.11 -13.10
C LEU C 70 -12.23 -9.97 -11.97
N GLN C 71 -11.34 -10.76 -11.35
CA GLN C 71 -11.66 -11.57 -10.19
C GLN C 71 -10.68 -11.22 -9.09
N THR C 72 -11.18 -10.95 -7.88
CA THR C 72 -10.35 -10.52 -6.77
C THR C 72 -10.67 -11.36 -5.53
N SER C 73 -9.64 -11.58 -4.70
CA SER C 73 -9.86 -12.22 -3.41
C SER C 73 -8.81 -11.71 -2.45
N HIS C 74 -9.10 -11.85 -1.17
CA HIS C 74 -8.22 -11.36 -0.13
C HIS C 74 -8.07 -12.42 0.95
N SER C 75 -6.89 -12.42 1.56
CA SER C 75 -6.58 -13.22 2.74
C SER C 75 -5.97 -12.28 3.76
N ARG C 76 -5.88 -12.74 5.00
CA ARG C 76 -5.21 -11.94 6.01
C ARG C 76 -4.53 -12.83 7.02
N TYR C 77 -3.45 -12.31 7.61
CA TYR C 77 -2.72 -13.09 8.60
C TYR C 77 -2.62 -12.41 9.96
N ARG C 78 -2.94 -11.12 10.07
CA ARG C 78 -2.94 -10.51 11.40
C ARG C 78 -3.88 -9.32 11.44
N THR C 79 -4.56 -9.17 12.56
CA THR C 79 -5.56 -8.12 12.74
C THR C 79 -5.46 -7.62 14.17
N GLU C 80 -5.54 -6.30 14.35
CA GLU C 80 -5.62 -5.68 15.66
C GLU C 80 -6.88 -4.83 15.76
N LEU C 81 -7.46 -4.78 16.96
CA LEU C 81 -8.59 -3.94 17.29
C LEU C 81 -8.13 -3.05 18.44
N THR C 82 -8.06 -1.74 18.19
CA THR C 82 -7.42 -0.86 19.16
C THR C 82 -8.43 -0.31 20.16
N ALA C 83 -7.90 0.32 21.22
CA ALA C 83 -8.75 0.92 22.24
C ALA C 83 -9.63 2.01 21.66
N GLU C 84 -9.18 2.65 20.57
CA GLU C 84 -9.99 3.64 19.86
C GLU C 84 -11.08 3.01 19.01
N GLY C 85 -11.10 1.69 18.88
CA GLY C 85 -12.04 1.04 18.00
C GLY C 85 -11.60 0.90 16.56
N THR C 86 -10.33 1.20 16.25
CA THR C 86 -9.84 1.02 14.89
C THR C 86 -9.49 -0.44 14.65
N ILE C 87 -9.79 -0.92 13.45
CA ILE C 87 -9.32 -2.23 13.01
C ILE C 87 -8.19 -2.03 12.01
N TYR C 88 -7.06 -2.69 12.25
CA TYR C 88 -5.97 -2.76 11.29
C TYR C 88 -5.80 -4.22 10.89
N SER C 89 -5.80 -4.51 9.59
CA SER C 89 -5.74 -5.89 9.13
C SER C 89 -4.76 -6.01 7.98
N GLU C 90 -3.70 -6.79 8.18
CA GLU C 90 -2.69 -7.01 7.15
C GLU C 90 -2.90 -8.35 6.48
N GLY C 91 -2.69 -8.38 5.17
CA GLY C 91 -2.93 -9.58 4.41
C GLY C 91 -2.42 -9.47 2.99
N HIS C 92 -3.14 -10.06 2.06
CA HIS C 92 -2.74 -10.11 0.66
C HIS C 92 -3.97 -9.90 -0.20
N SER C 93 -3.76 -9.22 -1.33
CA SER C 93 -4.78 -8.94 -2.32
C SER C 93 -4.40 -9.69 -3.58
N ASN C 94 -5.30 -10.56 -4.05
CA ASN C 94 -5.09 -11.34 -5.26
C ASN C 94 -6.01 -10.86 -6.37
N ALA C 95 -5.50 -10.88 -7.60
CA ALA C 95 -6.34 -10.58 -8.76
C ALA C 95 -5.98 -11.48 -9.92
N SER C 96 -7.00 -11.77 -10.73
CA SER C 96 -6.83 -12.52 -11.97
C SER C 96 -7.96 -12.12 -12.91
N LEU C 97 -7.83 -12.54 -14.15
CA LEU C 97 -8.83 -12.23 -15.19
C LEU C 97 -9.47 -13.51 -15.66
N GLU C 98 -10.80 -13.47 -15.84
CA GLU C 98 -11.52 -14.61 -16.41
C GLU C 98 -10.93 -15.01 -17.75
N SER C 99 -10.49 -14.03 -18.54
CA SER C 99 -9.94 -14.27 -19.87
C SER C 99 -8.49 -14.75 -19.84
N ASN C 100 -7.85 -14.77 -18.67
CA ASN C 100 -6.44 -15.15 -18.57
C ASN C 100 -6.25 -16.11 -17.41
N PRO C 101 -6.83 -17.32 -17.51
CA PRO C 101 -6.72 -18.27 -16.41
C PRO C 101 -5.27 -18.71 -16.21
N GLY C 102 -4.87 -18.80 -14.96
CA GLY C 102 -3.51 -19.16 -14.60
C GLY C 102 -2.65 -17.99 -14.19
N LYS C 103 -2.97 -16.76 -14.59
CA LYS C 103 -2.19 -15.58 -14.25
C LYS C 103 -2.84 -14.92 -13.03
N VAL C 104 -2.17 -14.99 -11.89
CA VAL C 104 -2.64 -14.38 -10.64
C VAL C 104 -1.56 -13.44 -10.14
N VAL C 105 -1.94 -12.21 -9.83
CA VAL C 105 -1.04 -11.23 -9.22
C VAL C 105 -1.43 -11.09 -7.76
N THR C 106 -0.44 -11.15 -6.88
CA THR C 106 -0.67 -11.09 -5.44
C THR C 106 0.25 -10.03 -4.84
N VAL C 107 -0.32 -9.14 -4.02
CA VAL C 107 0.48 -8.11 -3.35
C VAL C 107 0.07 -8.03 -1.89
N PRO C 108 1.00 -7.64 -1.03
CA PRO C 108 0.63 -7.37 0.36
C PRO C 108 -0.33 -6.19 0.44
N ILE C 110 -2.83 -3.72 3.50
CA ILE C 110 -3.38 -3.49 4.82
C ILE C 110 -4.66 -2.68 4.68
N GLY C 111 -5.64 -2.97 5.51
CA GLY C 111 -6.85 -2.18 5.60
C GLY C 111 -6.95 -1.55 6.98
N VAL C 112 -7.44 -0.31 7.00
CA VAL C 112 -7.72 0.48 8.20
C VAL C 112 -9.22 0.75 8.19
N PHE C 113 -9.90 0.39 9.28
CA PHE C 113 -11.36 0.52 9.33
C PHE C 113 -11.77 1.21 10.62
N LYS C 114 -12.71 2.14 10.52
CA LYS C 114 -13.36 2.73 11.68
C LYS C 114 -14.85 2.50 11.55
N LEU C 115 -15.49 2.18 12.68
CA LEU C 115 -16.89 1.77 12.67
C LEU C 115 -17.79 2.87 13.22
N ASP C 116 -19.01 2.92 12.69
CA ASP C 116 -20.07 3.78 13.22
C ASP C 116 -20.51 3.24 14.58
N SER C 117 -20.56 4.12 15.58
CA SER C 117 -20.89 3.65 16.93
C SER C 117 -22.36 3.27 17.07
N GLU C 118 -23.23 3.76 16.19
CA GLU C 118 -24.66 3.48 16.30
C GLU C 118 -25.06 2.12 15.70
N ASP C 119 -24.44 1.71 14.60
CA ASP C 119 -24.85 0.48 13.94
C ASP C 119 -23.71 -0.47 13.58
N GLY C 120 -22.47 -0.10 13.88
CA GLY C 120 -21.35 -1.00 13.63
C GLY C 120 -20.92 -1.12 12.19
N LYS C 121 -21.49 -0.33 11.28
CA LYS C 121 -21.03 -0.37 9.89
C LYS C 121 -19.73 0.41 9.73
N ILE C 122 -19.00 0.10 8.66
CA ILE C 122 -17.73 0.77 8.41
C ILE C 122 -17.99 2.18 7.91
N LYS C 123 -17.49 3.19 8.65
CA LYS C 123 -17.66 4.57 8.22
C LYS C 123 -16.41 5.15 7.59
N GLU C 124 -15.24 4.57 7.85
CA GLU C 124 -13.99 4.93 7.18
C GLU C 124 -13.28 3.64 6.80
N ARG C 126 -9.72 2.58 4.61
CA ARG C 126 -8.53 3.00 3.88
C ARG C 126 -7.72 1.76 3.57
N ILE C 127 -7.53 1.49 2.28
CA ILE C 127 -6.89 0.27 1.80
C ILE C 127 -5.57 0.68 1.16
N TYR C 128 -4.48 0.07 1.61
CA TYR C 128 -3.16 0.41 1.10
C TYR C 128 -2.50 -0.80 0.47
N LYS C 129 -2.04 -0.64 -0.76
CA LYS C 129 -1.35 -1.69 -1.50
C LYS C 129 -0.72 -1.09 -2.73
N ASP C 130 0.29 -1.78 -3.25
CA ASP C 130 0.92 -1.35 -4.50
C ASP C 130 0.11 -1.87 -5.69
N ARG C 131 -0.34 -0.97 -6.54
CA ARG C 131 -1.04 -1.39 -7.76
C ARG C 131 -0.09 -1.70 -8.92
N LEU C 132 1.19 -1.33 -8.81
CA LEU C 132 2.12 -1.53 -9.91
C LEU C 132 2.20 -2.98 -10.39
N PRO C 133 2.26 -3.99 -9.51
CA PRO C 133 2.34 -5.38 -10.01
C PRO C 133 1.17 -5.81 -10.86
N PHE C 134 0.00 -5.17 -10.74
CA PHE C 134 -1.17 -5.55 -11.50
C PHE C 134 -1.06 -5.18 -12.97
N LEU C 135 0.01 -4.48 -13.35
CA LEU C 135 0.25 -4.21 -14.79
C LEU C 135 0.48 -5.53 -15.53
N ALA C 136 0.82 -6.58 -14.79
CA ALA C 136 1.11 -7.88 -15.44
C ALA C 136 -0.13 -8.75 -15.65
N LEU C 137 -1.31 -8.26 -15.31
CA LEU C 137 -2.53 -9.11 -15.35
C LEU C 137 -2.85 -9.71 -16.72
N HIS C 138 -2.60 -8.99 -17.79
CA HIS C 138 -2.99 -9.47 -19.16
C HIS C 138 -1.86 -10.26 -19.84
N GLN C 139 -0.73 -10.44 -19.16
CA GLN C 139 0.42 -11.15 -19.75
C GLN C 139 0.23 -12.67 -19.69
N ALA C 140 0.61 -13.36 -20.77
CA ALA C 140 0.42 -14.82 -20.86
C ALA C 140 1.39 -15.52 -19.90
N SER D 2 17.84 -22.81 -17.04
CA SER D 2 17.61 -23.72 -15.92
C SER D 2 18.44 -23.35 -14.68
N ALA D 4 18.13 -23.07 -10.13
CA ALA D 4 17.34 -23.39 -8.94
C ALA D 4 17.85 -22.60 -7.74
N GLY D 5 18.13 -23.28 -6.62
CA GLY D 5 18.44 -22.58 -5.39
C GLY D 5 19.86 -22.78 -4.88
N LYS D 6 20.81 -23.00 -5.79
CA LYS D 6 22.18 -23.31 -5.38
C LYS D 6 22.86 -22.13 -4.72
N GLU D 7 22.49 -20.91 -5.08
CA GLU D 7 23.13 -19.71 -4.57
C GLU D 7 22.37 -19.09 -3.39
N ILE D 8 21.43 -19.83 -2.81
CA ILE D 8 20.66 -19.33 -1.67
C ILE D 8 21.54 -19.30 -0.43
N GLN D 9 21.74 -18.10 0.12
CA GLN D 9 22.46 -17.94 1.38
C GLN D 9 21.69 -17.12 2.40
N THR D 10 20.60 -16.48 2.03
CA THR D 10 19.81 -15.62 2.90
C THR D 10 18.34 -16.00 2.81
N PRO D 11 17.54 -15.61 3.81
CA PRO D 11 16.10 -15.93 3.75
C PRO D 11 15.34 -15.11 2.72
N ASP D 12 15.87 -13.96 2.31
CA ASP D 12 15.28 -13.22 1.20
C ASP D 12 15.42 -14.00 -0.10
N GLN D 13 16.63 -14.49 -0.38
CA GLN D 13 16.84 -15.35 -1.54
C GLN D 13 15.97 -16.60 -1.47
N ALA D 14 15.77 -17.13 -0.26
CA ALA D 14 14.97 -18.34 -0.11
C ALA D 14 13.51 -18.08 -0.46
N GLU D 15 12.92 -16.98 0.03
CA GLU D 15 11.52 -16.70 -0.29
C GLU D 15 11.35 -16.41 -1.78
N ALA D 16 12.31 -15.75 -2.40
CA ALA D 16 12.22 -15.51 -3.84
C ALA D 16 12.23 -16.81 -4.62
N PHE D 17 13.02 -17.78 -4.16
CA PHE D 17 13.04 -19.09 -4.80
C PHE D 17 11.71 -19.82 -4.62
N VAL D 18 11.16 -19.80 -3.41
N VAL D 18 11.14 -19.82 -3.42
CA VAL D 18 9.87 -20.43 -3.16
CA VAL D 18 9.86 -20.50 -3.25
C VAL D 18 8.80 -19.84 -4.08
C VAL D 18 8.78 -19.84 -4.08
N ALA D 19 8.82 -18.51 -4.24
CA ALA D 19 7.84 -17.85 -5.11
C ALA D 19 7.99 -18.32 -6.55
N LYS D 20 9.24 -18.39 -7.04
CA LYS D 20 9.51 -18.95 -8.36
C LYS D 20 8.97 -20.37 -8.48
N VAL D 21 9.19 -21.19 -7.44
CA VAL D 21 8.74 -22.58 -7.47
C VAL D 21 7.22 -22.67 -7.63
N PHE D 22 6.48 -21.92 -6.80
CA PHE D 22 5.01 -21.98 -6.89
C PHE D 22 4.49 -21.36 -8.17
N ASP D 23 5.16 -20.33 -8.68
CA ASP D 23 4.84 -19.82 -10.01
C ASP D 23 4.88 -20.93 -11.06
N VAL D 24 5.95 -21.74 -11.03
CA VAL D 24 6.05 -22.89 -11.93
C VAL D 24 4.93 -23.88 -11.65
N LEU D 25 4.75 -24.25 -10.38
CA LEU D 25 3.82 -25.33 -10.05
C LEU D 25 2.39 -24.97 -10.40
N ASP D 26 1.95 -23.77 -9.98
CA ASP D 26 0.57 -23.37 -10.16
C ASP D 26 0.23 -23.00 -11.60
N SER D 27 1.24 -22.91 -12.48
CA SER D 27 1.02 -22.77 -13.91
C SER D 27 0.78 -24.10 -14.59
N TYR D 28 1.09 -25.21 -13.91
CA TYR D 28 0.93 -26.55 -14.46
C TYR D 28 1.77 -26.74 -15.73
N ASP D 29 2.86 -25.97 -15.84
CA ASP D 29 3.80 -26.08 -16.96
C ASP D 29 4.82 -27.16 -16.62
N TYR D 30 4.41 -28.40 -16.86
CA TYR D 30 5.20 -29.56 -16.42
C TYR D 30 6.58 -29.59 -17.06
N THR D 31 6.71 -29.07 -18.27
CA THR D 31 8.01 -29.01 -18.93
C THR D 31 9.02 -28.20 -18.15
N ARG D 32 8.57 -27.34 -17.23
CA ARG D 32 9.46 -26.51 -16.43
C ARG D 32 9.69 -27.06 -15.02
N PHE D 33 8.92 -28.07 -14.60
CA PHE D 33 9.05 -28.57 -13.23
C PHE D 33 10.49 -28.97 -12.92
N GLY D 34 11.16 -29.62 -13.88
CA GLY D 34 12.51 -30.10 -13.66
C GLY D 34 13.55 -29.02 -13.51
N GLU D 35 13.19 -27.76 -13.77
CA GLU D 35 14.13 -26.67 -13.50
C GLU D 35 14.38 -26.52 -12.00
N VAL D 36 13.37 -26.78 -11.18
CA VAL D 36 13.45 -26.49 -9.75
C VAL D 36 13.29 -27.72 -8.87
N LEU D 37 12.83 -28.85 -9.40
CA LEU D 37 12.57 -30.05 -8.62
C LEU D 37 13.55 -31.15 -9.01
N SER D 38 14.16 -31.79 -8.01
N SER D 38 14.15 -31.80 -8.00
CA SER D 38 15.10 -32.87 -8.27
CA SER D 38 15.09 -32.88 -8.27
C SER D 38 14.40 -34.06 -8.91
C SER D 38 14.39 -34.07 -8.93
N THR D 39 15.15 -34.81 -9.74
CA THR D 39 14.60 -36.03 -10.32
C THR D 39 14.20 -37.04 -9.26
N ASP D 40 14.79 -36.95 -8.08
N ASP D 40 14.82 -36.99 -8.08
CA ASP D 40 14.52 -37.87 -6.98
CA ASP D 40 14.47 -37.88 -6.99
C ASP D 40 13.62 -37.25 -5.91
C ASP D 40 13.70 -37.17 -5.88
N LEU D 41 12.89 -36.19 -6.27
CA LEU D 41 12.06 -35.45 -5.31
C LEU D 41 11.22 -36.37 -4.44
N LYS D 42 11.28 -36.14 -3.13
CA LYS D 42 10.38 -36.78 -2.17
C LYS D 42 9.36 -35.72 -1.75
N TYR D 43 8.11 -35.89 -2.18
CA TYR D 43 7.03 -34.95 -1.91
C TYR D 43 6.03 -35.57 -0.96
N GLU D 44 5.53 -34.77 -0.02
N GLU D 44 5.52 -34.78 -0.03
CA GLU D 44 4.41 -35.14 0.83
CA GLU D 44 4.39 -35.18 0.80
C GLU D 44 3.41 -33.99 0.86
C GLU D 44 3.42 -34.02 0.89
N GLY D 45 2.13 -34.32 0.69
CA GLY D 45 1.08 -33.35 0.91
C GLY D 45 -0.06 -34.04 1.62
N GLY D 46 -0.02 -34.08 2.94
CA GLY D 46 -1.01 -34.87 3.64
C GLY D 46 -0.71 -36.36 3.50
N LEU D 47 -1.74 -37.17 3.27
CA LEU D 47 -1.51 -38.59 3.08
C LEU D 47 -0.96 -38.93 1.70
N GLN D 48 -1.00 -38.01 0.75
CA GLN D 48 -0.48 -38.26 -0.58
C GLN D 48 1.03 -38.02 -0.61
N LYS D 49 1.76 -38.98 -1.18
CA LYS D 49 3.22 -39.03 -1.12
C LYS D 49 3.71 -39.55 -2.45
N THR D 50 4.77 -38.94 -2.98
CA THR D 50 5.37 -39.41 -4.21
C THR D 50 6.88 -39.40 -4.08
N SER D 51 7.52 -40.35 -4.75
CA SER D 51 8.97 -40.40 -4.86
C SER D 51 9.33 -40.33 -6.34
N GLY D 52 10.16 -39.36 -6.69
CA GLY D 52 10.59 -39.15 -8.06
C GLY D 52 9.79 -38.09 -8.79
N LEU D 53 10.44 -37.35 -9.67
CA LEU D 53 9.77 -36.26 -10.37
C LEU D 53 8.66 -36.75 -11.29
N ASP D 54 8.90 -37.87 -11.98
CA ASP D 54 7.86 -38.36 -12.90
C ASP D 54 6.58 -38.72 -12.15
N ASN D 55 6.72 -39.34 -10.98
CA ASN D 55 5.54 -39.67 -10.20
C ASN D 55 4.86 -38.43 -9.65
N PHE D 56 5.64 -37.41 -9.30
CA PHE D 56 5.04 -36.14 -8.85
C PHE D 56 4.22 -35.49 -9.97
N ILE D 57 4.78 -35.42 -11.17
CA ILE D 57 4.08 -34.83 -12.31
C ILE D 57 2.80 -35.59 -12.62
N ASN D 58 2.86 -36.93 -12.61
CA ASN D 58 1.67 -37.70 -12.94
C ASN D 58 0.55 -37.50 -11.92
N ASP D 59 0.92 -37.34 -10.64
CA ASP D 59 -0.09 -37.08 -9.62
C ASP D 59 -0.71 -35.69 -9.77
N ILE D 60 0.10 -34.70 -10.13
CA ILE D 60 -0.46 -33.37 -10.38
C ILE D 60 -1.38 -33.39 -11.60
N LYS D 61 -0.98 -34.09 -12.67
CA LYS D 61 -1.82 -34.19 -13.85
C LYS D 61 -3.15 -34.86 -13.52
N ALA D 62 -3.11 -35.92 -12.71
CA ALA D 62 -4.33 -36.62 -12.35
C ALA D 62 -5.27 -35.74 -11.54
N SER D 63 -4.72 -34.80 -10.76
CA SER D 63 -5.59 -33.91 -9.97
C SER D 63 -6.33 -32.92 -10.86
N THR D 64 -5.75 -32.52 -11.99
CA THR D 64 -6.43 -31.61 -12.90
C THR D 64 -7.43 -32.33 -13.77
N GLN D 65 -7.12 -33.58 -14.13
CA GLN D 65 -8.10 -34.44 -14.81
C GLN D 65 -9.38 -34.57 -14.00
N ARG D 66 -9.26 -34.80 -12.69
CA ARG D 66 -10.44 -35.08 -11.88
C ARG D 66 -11.18 -33.82 -11.42
N PRO D 68 -11.79 -30.67 -13.37
CA PRO D 68 -11.61 -29.86 -14.58
C PRO D 68 -11.81 -28.38 -14.30
N GLY D 69 -10.89 -27.57 -14.81
CA GLY D 69 -10.93 -26.15 -14.56
C GLY D 69 -10.32 -25.71 -13.24
N LEU D 70 -9.69 -26.62 -12.49
CA LEU D 70 -9.03 -26.24 -11.25
C LEU D 70 -8.00 -25.16 -11.50
N GLN D 71 -8.03 -24.11 -10.67
CA GLN D 71 -7.04 -23.05 -10.68
C GLN D 71 -6.53 -22.86 -9.26
N THR D 72 -5.22 -22.76 -9.10
CA THR D 72 -4.61 -22.66 -7.77
C THR D 72 -3.57 -21.56 -7.77
N SER D 73 -3.38 -20.97 -6.59
CA SER D 73 -2.34 -19.95 -6.43
C SER D 73 -1.94 -19.90 -4.96
N HIS D 74 -0.73 -19.41 -4.72
CA HIS D 74 -0.18 -19.39 -3.38
C HIS D 74 0.43 -18.03 -3.10
N SER D 75 0.33 -17.60 -1.85
CA SER D 75 1.03 -16.43 -1.35
C SER D 75 1.84 -16.83 -0.13
N ARG D 76 2.78 -15.97 0.26
CA ARG D 76 3.59 -16.27 1.44
C ARG D 76 3.87 -14.99 2.21
N TYR D 77 3.98 -15.10 3.54
CA TYR D 77 4.28 -13.93 4.35
C TYR D 77 5.47 -14.10 5.29
N ARG D 78 5.94 -15.33 5.54
CA ARG D 78 6.99 -15.57 6.53
CA ARG D 78 6.96 -15.59 6.55
C ARG D 78 7.84 -16.72 6.05
N THR D 79 9.13 -16.46 5.81
CA THR D 79 10.04 -17.51 5.35
C THR D 79 11.30 -17.50 6.19
N GLU D 80 11.78 -18.67 6.60
CA GLU D 80 13.07 -18.80 7.26
C GLU D 80 13.95 -19.80 6.54
N LEU D 81 15.26 -19.51 6.54
CA LEU D 81 16.30 -20.40 6.07
C LEU D 81 17.15 -20.77 7.27
N THR D 82 17.24 -22.06 7.59
CA THR D 82 17.94 -22.47 8.80
C THR D 82 19.40 -22.84 8.51
N ALA D 83 20.17 -23.01 9.60
CA ALA D 83 21.57 -23.40 9.46
C ALA D 83 21.73 -24.81 8.90
N GLU D 84 20.68 -25.64 8.95
CA GLU D 84 20.69 -26.94 8.30
C GLU D 84 20.35 -26.85 6.81
N GLY D 85 20.04 -25.65 6.31
CA GLY D 85 19.65 -25.49 4.93
C GLY D 85 18.17 -25.67 4.66
N THR D 86 17.35 -25.87 5.68
CA THR D 86 15.91 -26.04 5.47
C THR D 86 15.28 -24.69 5.20
N ILE D 87 14.31 -24.68 4.29
CA ILE D 87 13.46 -23.52 4.06
C ILE D 87 12.07 -23.83 4.58
N TYR D 88 11.56 -22.98 5.46
CA TYR D 88 10.19 -23.04 5.95
C TYR D 88 9.49 -21.78 5.45
N SER D 89 8.35 -21.94 4.78
CA SER D 89 7.66 -20.80 4.21
C SER D 89 6.18 -20.88 4.51
N GLU D 90 5.66 -19.93 5.29
CA GLU D 90 4.25 -19.91 5.68
C GLU D 90 3.48 -18.94 4.80
N GLY D 91 2.28 -19.34 4.42
CA GLY D 91 1.48 -18.52 3.54
C GLY D 91 0.06 -19.03 3.45
N HIS D 92 -0.53 -18.88 2.26
CA HIS D 92 -1.91 -19.28 2.02
C HIS D 92 -2.02 -19.99 0.70
N SER D 93 -2.92 -20.96 0.64
CA SER D 93 -3.23 -21.71 -0.56
C SER D 93 -4.65 -21.38 -1.00
N ASN D 94 -4.81 -20.97 -2.25
CA ASN D 94 -6.10 -20.57 -2.81
C ASN D 94 -6.47 -21.52 -3.94
N ALA D 95 -7.76 -21.84 -4.05
CA ALA D 95 -8.22 -22.62 -5.19
C ALA D 95 -9.63 -22.21 -5.59
N SER D 96 -9.90 -22.32 -6.89
CA SER D 96 -11.23 -22.09 -7.44
C SER D 96 -11.38 -22.93 -8.70
N LEU D 97 -12.60 -23.01 -9.22
CA LEU D 97 -12.89 -23.69 -10.47
C LEU D 97 -13.29 -22.66 -11.52
N GLU D 98 -12.79 -22.84 -12.75
CA GLU D 98 -13.16 -21.91 -13.83
C GLU D 98 -14.66 -21.84 -14.03
N SER D 99 -15.39 -22.93 -13.80
CA SER D 99 -16.83 -22.92 -13.98
C SER D 99 -17.55 -22.10 -12.92
N ASN D 100 -16.87 -21.69 -11.85
CA ASN D 100 -17.50 -20.94 -10.76
C ASN D 100 -16.43 -20.08 -10.11
N PRO D 101 -15.95 -19.06 -10.81
CA PRO D 101 -14.79 -18.29 -10.32
C PRO D 101 -15.06 -17.42 -9.09
N GLY D 102 -16.31 -17.19 -8.73
CA GLY D 102 -16.60 -16.41 -7.53
C GLY D 102 -16.42 -17.15 -6.22
N LYS D 103 -16.25 -18.47 -6.27
CA LYS D 103 -16.09 -19.29 -5.07
C LYS D 103 -14.61 -19.65 -4.95
N VAL D 104 -13.92 -19.03 -4.00
CA VAL D 104 -12.50 -19.25 -3.77
C VAL D 104 -12.36 -19.83 -2.37
N VAL D 105 -11.68 -20.96 -2.26
CA VAL D 105 -11.34 -21.55 -0.97
C VAL D 105 -9.91 -21.17 -0.64
N THR D 106 -9.68 -20.68 0.57
CA THR D 106 -8.36 -20.21 0.99
C THR D 106 -8.07 -20.80 2.37
N VAL D 107 -6.91 -21.41 2.52
CA VAL D 107 -6.47 -21.95 3.83
C VAL D 107 -5.02 -21.55 4.06
N PRO D 108 -4.62 -21.46 5.33
CA PRO D 108 -3.19 -21.29 5.62
C PRO D 108 -2.40 -22.52 5.18
N ILE D 110 1.93 -24.22 4.99
CA ILE D 110 3.37 -24.10 5.16
C ILE D 110 4.04 -25.09 4.23
N GLY D 111 5.16 -24.67 3.63
CA GLY D 111 6.00 -25.56 2.85
C GLY D 111 7.34 -25.73 3.55
N VAL D 112 7.82 -26.97 3.55
CA VAL D 112 9.12 -27.34 4.08
C VAL D 112 9.93 -27.84 2.88
N PHE D 113 11.10 -27.25 2.67
CA PHE D 113 11.92 -27.61 1.52
C PHE D 113 13.35 -27.93 1.94
N LYS D 114 13.89 -29.01 1.38
CA LYS D 114 15.32 -29.32 1.47
C LYS D 114 15.87 -29.36 0.05
N LEU D 115 17.06 -28.80 -0.14
CA LEU D 115 17.66 -28.67 -1.46
C LEU D 115 18.83 -29.63 -1.62
N ASP D 116 19.01 -30.08 -2.86
CA ASP D 116 20.16 -30.90 -3.22
C ASP D 116 21.42 -30.03 -3.17
N SER D 117 22.45 -30.49 -2.46
CA SER D 117 23.66 -29.69 -2.34
C SER D 117 24.41 -29.56 -3.67
N GLU D 118 24.23 -30.50 -4.60
CA GLU D 118 24.96 -30.45 -5.87
C GLU D 118 24.44 -29.34 -6.78
N ASP D 119 23.12 -29.18 -6.86
CA ASP D 119 22.52 -28.33 -7.87
C ASP D 119 21.47 -27.37 -7.35
N GLY D 120 21.16 -27.40 -6.06
CA GLY D 120 20.17 -26.47 -5.53
C GLY D 120 18.73 -26.77 -5.86
N LYS D 121 18.42 -27.91 -6.48
CA LYS D 121 17.02 -28.21 -6.76
C LYS D 121 16.37 -28.76 -5.50
N ILE D 122 15.05 -28.71 -5.46
CA ILE D 122 14.33 -29.20 -4.28
C ILE D 122 14.32 -30.72 -4.29
N LYS D 123 14.93 -31.32 -3.28
CA LYS D 123 14.91 -32.77 -3.15
C LYS D 123 13.86 -33.28 -2.17
N GLU D 124 13.42 -32.44 -1.24
CA GLU D 124 12.30 -32.81 -0.36
C GLU D 124 11.35 -31.62 -0.30
N ARG D 126 7.54 -30.80 1.47
CA ARG D 126 6.42 -31.23 2.29
C ARG D 126 5.51 -30.03 2.50
N ILE D 127 4.28 -30.13 2.00
CA ILE D 127 3.29 -29.06 2.06
C ILE D 127 2.23 -29.47 3.06
N TYR D 128 1.99 -28.65 4.07
CA TYR D 128 0.98 -28.92 5.08
C TYR D 128 -0.13 -27.87 5.03
N LYS D 129 -1.37 -28.33 5.00
CA LYS D 129 -2.54 -27.47 4.98
C LYS D 129 -3.76 -28.35 5.21
N ASP D 130 -4.86 -27.72 5.64
CA ASP D 130 -6.12 -28.43 5.77
C ASP D 130 -6.79 -28.51 4.41
N ARG D 131 -6.99 -29.72 3.90
CA ARG D 131 -7.62 -29.89 2.62
CA ARG D 131 -7.63 -29.92 2.61
C ARG D 131 -9.14 -30.06 2.71
N LEU D 132 -9.68 -30.28 3.90
CA LEU D 132 -11.13 -30.44 4.04
C LEU D 132 -11.93 -29.24 3.52
N PRO D 133 -11.52 -27.98 3.74
CA PRO D 133 -12.30 -26.86 3.19
C PRO D 133 -12.49 -26.91 1.69
N PHE D 134 -11.59 -27.56 0.96
CA PHE D 134 -11.70 -27.60 -0.49
C PHE D 134 -12.83 -28.51 -0.96
N LEU D 135 -13.43 -29.29 -0.08
CA LEU D 135 -14.61 -30.06 -0.46
C LEU D 135 -15.81 -29.16 -0.78
N ALA D 136 -15.73 -27.87 -0.48
CA ALA D 136 -16.77 -26.94 -0.88
C ALA D 136 -16.74 -26.61 -2.37
N LEU D 137 -15.64 -26.92 -3.07
CA LEU D 137 -15.61 -26.66 -4.51
C LEU D 137 -16.55 -27.63 -5.21
N HIS D 138 -17.14 -27.17 -6.31
CA HIS D 138 -18.17 -27.96 -7.01
C HIS D 138 -17.62 -29.33 -7.42
N GLN D 139 -18.31 -30.38 -6.98
CA GLN D 139 -17.98 -31.78 -7.27
C GLN D 139 -16.62 -32.21 -6.75
N ALA D 140 -16.11 -31.53 -5.72
CA ALA D 140 -14.94 -32.05 -5.02
C ALA D 140 -15.23 -33.42 -4.43
N LEU D 141 -16.43 -33.56 -3.87
CA LEU D 141 -16.88 -34.89 -3.40
C LEU D 141 -18.34 -35.01 -3.82
N PRO D 142 -18.58 -35.54 -5.03
CA PRO D 142 -19.93 -35.64 -5.54
C PRO D 142 -20.93 -36.28 -4.55
N GLY D 143 -22.06 -35.61 -4.39
CA GLY D 143 -23.14 -36.16 -3.55
C GLY D 143 -22.96 -35.94 -2.06
N LYS D 145 -23.16 -33.03 -0.46
CA LYS D 145 -24.01 -31.87 -0.21
C LYS D 145 -24.91 -31.59 -1.41
#